data_2PXL
#
_entry.id   2PXL
#
_cell.length_a   122.688
_cell.length_b   78.847
_cell.length_c   32.460
_cell.angle_alpha   90.00
_cell.angle_beta   95.91
_cell.angle_gamma   90.00
#
_symmetry.space_group_name_H-M   'C 1 2 1'
#
loop_
_entity.id
_entity.type
_entity.pdbx_description
1 polymer '4.5 S RNA'
2 polymer 'Signal recognition particle protein'
3 non-polymer 'COBALT HEXAMMINE(III)'
#
loop_
_entity_poly.entity_id
_entity_poly.type
_entity_poly.pdbx_seq_one_letter_code
_entity_poly.pdbx_strand_id
1 'polyribonucleotide' GCGGGUGUUUACCAGGUCAGGUCCGAAAGGAAGCAGCCAAGGCACUU B
2 'polypeptide(L)'
;FDLNDFLEQLRQMKN(MSE)GG(MSE)ASL(MSE)GKLPG(MSE)GQIPDNVKSQ(MSE)DDKVLVR(MSE)EAIINS
(MSE)T(MSE)KERAKPEIIKGSRKRRIAAGSG(MSE)QVQDVNRLLKQFDD(MSE)QR(MSE)(MSE)KK(MSE)
;
A
#
loop_
_chem_comp.id
_chem_comp.type
_chem_comp.name
_chem_comp.formula
A RNA linking ADENOSINE-5'-MONOPHOSPHATE 'C10 H14 N5 O7 P'
C RNA linking CYTIDINE-5'-MONOPHOSPHATE 'C9 H14 N3 O8 P'
G RNA linking GUANOSINE-5'-MONOPHOSPHATE 'C10 H14 N5 O8 P'
NCO non-polymer 'COBALT HEXAMMINE(III)' 'Co H18 N6 3'
U RNA linking URIDINE-5'-MONOPHOSPHATE 'C9 H13 N2 O9 P'
#
# COMPACT_ATOMS: atom_id res chain seq x y z
N PHE B 1 8.05 10.94 1.14
CA PHE B 1 8.10 9.47 0.94
C PHE B 1 6.69 8.88 0.91
N ASP B 2 6.23 8.51 -0.28
CA ASP B 2 4.91 7.93 -0.45
C ASP B 2 5.01 6.45 -0.84
N LEU B 3 3.88 5.86 -1.19
CA LEU B 3 3.85 4.46 -1.59
C LEU B 3 4.63 4.20 -2.88
N ASN B 4 5.09 5.26 -3.53
CA ASN B 4 5.84 5.10 -4.76
C ASN B 4 7.27 4.63 -4.51
N ASP B 5 8.04 5.44 -3.80
CA ASP B 5 9.43 5.09 -3.50
C ASP B 5 9.45 3.72 -2.83
N PHE B 6 8.49 3.50 -1.94
CA PHE B 6 8.38 2.24 -1.23
C PHE B 6 8.18 1.10 -2.22
N LEU B 7 7.66 1.44 -3.40
CA LEU B 7 7.42 0.46 -4.44
C LEU B 7 8.72 0.01 -5.06
N GLU B 8 9.68 0.92 -5.16
CA GLU B 8 10.98 0.60 -5.76
C GLU B 8 11.80 -0.25 -4.79
N GLN B 9 11.54 -0.06 -3.50
CA GLN B 9 12.23 -0.80 -2.46
C GLN B 9 11.68 -2.22 -2.33
N LYS B 43 9.77 -13.68 -1.49
CA LYS B 43 8.93 -13.53 -2.66
C LYS B 43 7.55 -12.99 -2.30
N VAL B 44 7.45 -12.42 -1.10
CA VAL B 44 6.21 -11.82 -0.64
C VAL B 44 6.10 -10.50 -1.38
N LEU B 45 7.24 -10.08 -1.93
CA LEU B 45 7.32 -8.83 -2.66
C LEU B 45 6.36 -8.78 -3.83
N VAL B 46 6.31 -9.85 -4.63
CA VAL B 46 5.41 -9.87 -5.79
C VAL B 46 4.02 -9.43 -5.38
N ARG B 47 3.56 -9.90 -4.23
CA ARG B 47 2.23 -9.56 -3.74
C ARG B 47 2.19 -8.10 -3.29
N MSE B 48 3.20 -7.65 -2.57
CA MSE B 48 3.23 -6.27 -2.12
C MSE B 48 3.28 -5.30 -3.28
O MSE B 48 2.85 -4.14 -3.15
CB MSE B 48 4.42 -6.04 -1.20
CG MSE B 48 4.26 -6.73 0.13
SE MSE B 48 5.68 -6.23 1.30
CE MSE B 48 5.17 -4.39 1.64
N GLU B 49 3.80 -5.75 -4.41
CA GLU B 49 3.87 -4.91 -5.59
C GLU B 49 2.49 -4.91 -6.25
N ALA B 50 1.89 -6.09 -6.35
CA ALA B 50 0.58 -6.22 -6.96
C ALA B 50 -0.46 -5.34 -6.26
N ILE B 51 -0.42 -5.32 -4.93
CA ILE B 51 -1.38 -4.53 -4.16
C ILE B 51 -1.26 -3.05 -4.52
N ILE B 52 -0.04 -2.53 -4.48
CA ILE B 52 0.21 -1.14 -4.80
C ILE B 52 -0.14 -0.88 -6.27
N ASN B 53 0.02 -1.90 -7.10
CA ASN B 53 -0.28 -1.77 -8.52
C ASN B 53 -1.77 -1.66 -8.86
N SER B 54 -2.63 -1.76 -7.86
CA SER B 54 -4.07 -1.65 -8.10
C SER B 54 -4.59 -0.31 -7.60
N MSE B 55 -3.70 0.45 -6.96
CA MSE B 55 -4.09 1.75 -6.43
C MSE B 55 -4.00 2.79 -7.52
O MSE B 55 -3.39 2.55 -8.54
CB MSE B 55 -3.15 2.15 -5.31
CG MSE B 55 -2.95 1.07 -4.29
SE MSE B 55 -1.95 1.77 -2.85
CE MSE B 55 -2.44 0.51 -1.48
N THR B 56 -4.62 3.93 -7.28
CA THR B 56 -4.59 5.01 -8.25
C THR B 56 -3.34 5.84 -7.93
N MSE B 57 -3.06 6.86 -8.73
CA MSE B 57 -1.90 7.68 -8.44
C MSE B 57 -2.10 8.43 -7.13
O MSE B 57 -1.15 8.58 -6.33
CB MSE B 57 -1.63 8.66 -9.57
CG MSE B 57 -0.64 8.10 -10.59
SE MSE B 57 0.94 7.35 -9.72
CE MSE B 57 2.00 8.97 -9.59
N LYS B 58 -3.33 8.89 -6.88
CA LYS B 58 -3.65 9.63 -5.67
C LYS B 58 -3.55 8.78 -4.40
N GLU B 59 -3.88 7.50 -4.52
CA GLU B 59 -3.82 6.62 -3.37
C GLU B 59 -2.36 6.33 -3.01
N ARG B 60 -1.50 6.27 -4.02
CA ARG B 60 -0.07 6.02 -3.80
C ARG B 60 0.62 7.26 -3.24
N ALA B 61 0.05 8.42 -3.52
CA ALA B 61 0.64 9.67 -3.06
C ALA B 61 0.09 10.15 -1.72
N LYS B 62 -1.19 9.90 -1.48
CA LYS B 62 -1.81 10.34 -0.23
C LYS B 62 -2.48 9.12 0.40
N PRO B 63 -1.67 8.14 0.83
CA PRO B 63 -2.07 6.86 1.47
C PRO B 63 -3.19 6.95 2.49
N GLU B 64 -3.33 8.08 3.15
CA GLU B 64 -4.39 8.23 4.16
C GLU B 64 -5.79 8.20 3.56
N ILE B 65 -5.94 8.63 2.31
CA ILE B 65 -7.27 8.62 1.70
C ILE B 65 -7.77 7.21 1.44
N ILE B 66 -6.99 6.20 1.84
CA ILE B 66 -7.41 4.83 1.61
C ILE B 66 -8.21 4.22 2.76
N LYS B 67 -9.53 4.29 2.65
CA LYS B 67 -10.40 3.72 3.66
C LYS B 67 -11.06 2.44 3.17
N GLY B 68 -12.15 2.06 3.82
CA GLY B 68 -12.87 0.84 3.50
C GLY B 68 -13.16 0.51 2.05
N SER B 69 -13.97 1.33 1.41
CA SER B 69 -14.37 1.11 0.02
C SER B 69 -13.16 0.97 -0.89
N ARG B 70 -12.20 1.87 -0.75
CA ARG B 70 -11.02 1.79 -1.60
C ARG B 70 -10.30 0.47 -1.33
N LYS B 71 -10.16 0.12 -0.06
CA LYS B 71 -9.49 -1.13 0.29
C LYS B 71 -10.13 -2.31 -0.42
N ARG B 72 -11.45 -2.40 -0.40
CA ARG B 72 -12.11 -3.51 -1.06
C ARG B 72 -11.81 -3.53 -2.55
N ARG B 73 -11.85 -2.36 -3.17
CA ARG B 73 -11.58 -2.27 -4.61
C ARG B 73 -10.19 -2.82 -4.88
N ILE B 74 -9.25 -2.33 -4.09
CA ILE B 74 -7.86 -2.73 -4.17
C ILE B 74 -7.73 -4.23 -3.92
N ALA B 75 -8.14 -4.67 -2.74
CA ALA B 75 -8.04 -6.08 -2.37
C ALA B 75 -8.47 -6.95 -3.54
N ALA B 76 -9.68 -6.71 -4.03
CA ALA B 76 -10.21 -7.47 -5.14
C ALA B 76 -9.44 -7.24 -6.42
N GLY B 77 -9.03 -6.00 -6.65
CA GLY B 77 -8.28 -5.69 -7.85
C GLY B 77 -6.99 -6.46 -7.98
N SER B 78 -6.37 -6.80 -6.86
CA SER B 78 -5.13 -7.54 -6.91
C SER B 78 -5.27 -8.97 -6.38
N GLY B 79 -6.48 -9.51 -6.48
CA GLY B 79 -6.73 -10.87 -6.02
C GLY B 79 -6.39 -11.13 -4.57
N MSE B 80 -6.24 -10.06 -3.79
CA MSE B 80 -5.91 -10.17 -2.37
C MSE B 80 -7.12 -10.11 -1.45
O MSE B 80 -8.26 -9.99 -1.89
CB MSE B 80 -4.95 -9.05 -1.98
CG MSE B 80 -3.58 -9.19 -2.56
SE MSE B 80 -2.89 -10.92 -2.11
CE MSE B 80 -3.36 -11.86 -3.73
N GLN B 81 -6.83 -10.18 -0.15
CA GLN B 81 -7.85 -10.13 0.88
C GLN B 81 -7.68 -8.75 1.51
N VAL B 82 -8.79 -8.13 1.91
CA VAL B 82 -8.66 -6.80 2.50
C VAL B 82 -7.63 -6.82 3.60
N GLN B 83 -7.65 -7.86 4.42
CA GLN B 83 -6.70 -7.99 5.52
C GLN B 83 -5.25 -7.86 5.02
N ASP B 84 -4.98 -8.38 3.82
CA ASP B 84 -3.65 -8.32 3.25
C ASP B 84 -3.29 -6.88 2.92
N VAL B 85 -4.24 -6.17 2.32
CA VAL B 85 -4.05 -4.77 1.96
C VAL B 85 -3.66 -3.99 3.22
N ASN B 86 -4.42 -4.21 4.29
CA ASN B 86 -4.18 -3.54 5.56
C ASN B 86 -2.75 -3.84 6.02
N ARG B 87 -2.32 -5.08 5.84
CA ARG B 87 -0.97 -5.47 6.23
C ARG B 87 0.01 -4.61 5.44
N LEU B 88 -0.24 -4.50 4.14
CA LEU B 88 0.58 -3.71 3.23
C LEU B 88 0.66 -2.27 3.73
N LEU B 89 -0.50 -1.72 4.07
CA LEU B 89 -0.57 -0.36 4.56
C LEU B 89 0.13 -0.28 5.91
N LYS B 90 -0.04 -1.32 6.71
CA LYS B 90 0.58 -1.39 8.02
C LYS B 90 2.09 -1.27 7.88
N GLN B 91 2.68 -2.08 7.00
CA GLN B 91 4.11 -2.06 6.80
C GLN B 91 4.60 -0.70 6.31
N PHE B 92 4.04 -0.22 5.20
CA PHE B 92 4.43 1.07 4.65
C PHE B 92 4.40 2.17 5.71
N ASP B 93 3.48 2.05 6.66
CA ASP B 93 3.37 3.04 7.71
C ASP B 93 4.59 3.01 8.60
N ASP B 94 4.94 1.82 9.10
CA ASP B 94 6.10 1.68 9.96
C ASP B 94 7.32 2.11 9.16
N MSE B 95 7.36 1.70 7.89
CA MSE B 95 8.46 2.05 7.01
C MSE B 95 8.55 3.57 6.89
O MSE B 95 9.63 4.14 6.88
CB MSE B 95 8.23 1.42 5.63
CG MSE B 95 9.23 1.87 4.56
SE MSE B 95 11.04 1.32 4.90
CE MSE B 95 11.00 -0.40 4.02
N GLN B 96 7.39 4.22 6.79
CA GLN B 96 7.33 5.67 6.65
C GLN B 96 7.95 6.35 7.87
N ARG B 97 7.51 5.96 9.05
CA ARG B 97 8.01 6.52 10.30
C ARG B 97 9.53 6.44 10.38
N MSE B 98 10.05 5.25 10.14
CA MSE B 98 11.49 5.00 10.17
C MSE B 98 12.24 6.04 9.35
O MSE B 98 13.40 6.34 9.59
CB MSE B 98 11.77 3.61 9.64
CG MSE B 98 13.15 3.09 9.92
SE MSE B 98 13.25 1.23 9.44
CE MSE B 98 12.34 0.47 10.97
N MSE B 99 11.54 6.61 8.35
CA MSE B 99 12.12 7.62 7.48
C MSE B 99 12.15 8.96 8.21
O MSE B 99 13.19 9.58 8.34
CB MSE B 99 11.28 7.76 6.21
CG MSE B 99 11.06 6.45 5.47
SE MSE B 99 12.70 5.62 4.92
CE MSE B 99 12.88 6.42 3.17
N LYS B 100 10.98 9.39 8.67
CA LYS B 100 10.82 10.65 9.39
C LYS B 100 11.48 10.60 10.76
N LYS B 101 12.78 10.31 10.76
CA LYS B 101 13.57 10.24 11.99
C LYS B 101 15.06 10.40 11.65
N MSE B 102 15.32 11.04 10.52
CA MSE B 102 16.69 11.27 10.06
C MSE B 102 16.70 11.90 8.67
O MSE B 102 17.30 12.99 8.52
OXT MSE B 102 16.09 11.31 7.75
CB MSE B 102 17.45 9.95 10.01
CG MSE B 102 16.74 8.85 9.24
SE MSE B 102 17.70 7.17 9.30
CE MSE B 102 18.52 7.24 7.54
CO NCO C . -14.58 15.09 -23.06
N1 NCO C . -15.78 15.58 -21.60
N2 NCO C . -13.37 14.59 -24.53
N3 NCO C . -15.17 13.21 -22.92
N4 NCO C . -13.98 16.95 -23.21
N5 NCO C . -16.01 15.43 -24.35
N6 NCO C . -13.14 14.73 -21.77
CO NCO D . -13.84 0.12 -15.46
N1 NCO D . -15.65 0.64 -14.94
N2 NCO D . -12.02 -0.42 -15.99
N3 NCO D . -14.54 -1.60 -16.13
N4 NCO D . -13.14 1.83 -14.79
N5 NCO D . -14.12 0.92 -17.23
N6 NCO D . -13.55 -0.69 -13.70
CO NCO E . -2.15 -12.52 -16.42
N1 NCO E . -3.99 -12.63 -17.11
N2 NCO E . -0.33 -12.41 -15.73
N3 NCO E . -1.86 -14.39 -16.93
N4 NCO E . -2.45 -10.65 -15.92
N5 NCO E . -1.52 -11.94 -18.19
N6 NCO E . -2.79 -13.10 -14.65
CO NCO F . -2.35 -23.38 -8.84
N1 NCO F . -4.03 -22.72 -9.63
N2 NCO F . -0.68 -24.03 -8.05
N3 NCO F . -2.81 -25.21 -9.41
N4 NCO F . -1.90 -21.55 -8.28
N5 NCO F . -1.43 -23.07 -10.55
N6 NCO F . -3.28 -23.69 -7.13
CO NCO G . -2.02 -19.56 -17.52
N1 NCO G . -3.78 -19.69 -18.39
N2 NCO G . -0.27 -19.44 -16.66
N3 NCO G . -2.89 -19.53 -15.76
N4 NCO G . -1.16 -19.60 -19.28
N5 NCO G . -1.92 -21.52 -17.44
N6 NCO G . -2.13 -17.60 -17.61
CO NCO H . -12.14 -10.93 -20.85
N1 NCO H . -12.39 -12.85 -20.54
N2 NCO H . -11.90 -9.01 -21.18
N3 NCO H . -13.17 -10.54 -19.23
N4 NCO H . -11.11 -11.33 -22.48
N5 NCO H . -10.48 -10.97 -19.80
N6 NCO H . -13.80 -10.90 -21.91
CO NCO I . -21.95 21.99 -27.58
N1 NCO I . -22.41 22.92 -29.24
N2 NCO I . -21.47 21.06 -25.92
N3 NCO I . -20.98 20.62 -28.61
N4 NCO I . -22.91 23.35 -26.54
N5 NCO I . -20.30 23.05 -27.45
N6 NCO I . -23.59 20.92 -27.71
#